data_8FKL
#
_entry.id   8FKL
#
_cell.length_a   86.671
_cell.length_b   90.862
_cell.length_c   92.256
_cell.angle_alpha   90.000
_cell.angle_beta   90.000
_cell.angle_gamma   90.000
#
_symmetry.space_group_name_H-M   'P 21 21 21'
#
loop_
_entity.id
_entity.type
_entity.pdbx_description
1 polymer Glucosyltransferase-I
2 non-polymer 'MAGNESIUM ION'
3 non-polymer 1,2-ETHANEDIOL
4 water water
#
_entity_poly.entity_id   1
_entity_poly.type   'polypeptide(L)'
_entity_poly.pdbx_seq_one_letter_code
;AEQLNWLHFLMNFGNIYANDPDANFDSIRVDAVDNVDADLLQIAGDYLKAAKGIHKNDKAANDHLSILEAWSDNDTPYLH
DDGDNMINMDNKLRLSLLFSLAKPLNQRSGMNPLITNSLVNRTDDNAETAAVPSYSFIRAHDSEVQDLIRDIIKAEINPN
VVGYSFTMEEIKKAFEIYNKDLLATEKKYTHYNTALSYALLLTNKSSVPRVYYGDMFTDDGQYMAHKTINYEAIETLLKA
RIKYVSGGQAMRNQQVGNSEIITSVRYGKGALKATDTGDRTTRTSGVAVIEGNNPSLRLKASDRVVVNMGAAHKNQAYRP
LLLTTDNGIKAYHSDQEAAGLVRYTNDRGELIFTAADIKGYANPQVSGYLGVWVPVGAAADQDVRVAASTAPSTDGKSVH
QNAALDSRVMFEGFSNFQAFATKKEEYTNVVIAKNVDKFAEWGVTDFEMAPQYVSSTDGSFLDSVIQNGYAFTDRYDLGI
SKPNKYGTADDLVKAIKALHSKGIKVMADWVPDQMYAFPE
;
_entity_poly.pdbx_strand_id   A
#
# COMPACT_ATOMS: atom_id res chain seq x y z
N GLN A 3 -16.25 -15.47 -17.05
CA GLN A 3 -16.86 -16.79 -16.71
C GLN A 3 -16.80 -17.04 -15.21
N LEU A 4 -17.99 -17.32 -14.66
N LEU A 4 -17.99 -17.31 -14.65
CA LEU A 4 -18.23 -17.56 -13.22
CA LEU A 4 -18.21 -17.56 -13.21
C LEU A 4 -17.81 -18.98 -12.85
C LEU A 4 -17.76 -18.98 -12.87
N ASN A 5 -17.88 -19.93 -13.80
CA ASN A 5 -17.42 -21.31 -13.54
C ASN A 5 -15.88 -21.34 -13.45
N TRP A 6 -15.16 -20.48 -14.17
CA TRP A 6 -13.69 -20.35 -13.99
C TRP A 6 -13.42 -19.74 -12.60
N LEU A 7 -14.19 -18.73 -12.17
CA LEU A 7 -14.06 -18.20 -10.78
C LEU A 7 -14.25 -19.35 -9.77
N HIS A 8 -15.29 -20.17 -9.95
CA HIS A 8 -15.56 -21.33 -9.06
C HIS A 8 -14.32 -22.23 -9.00
N PHE A 9 -13.69 -22.50 -10.15
CA PHE A 9 -12.47 -23.33 -10.22
C PHE A 9 -11.36 -22.66 -9.39
N LEU A 10 -11.10 -21.38 -9.59
CA LEU A 10 -10.00 -20.68 -8.87
C LEU A 10 -10.24 -20.78 -7.36
N MET A 11 -11.48 -20.59 -6.92
CA MET A 11 -11.80 -20.56 -5.47
C MET A 11 -11.81 -21.98 -4.89
N ASN A 12 -11.70 -23.00 -5.75
CA ASN A 12 -11.66 -24.41 -5.31
C ASN A 12 -10.41 -25.10 -5.85
N PHE A 13 -9.37 -24.35 -6.24
CA PHE A 13 -8.16 -24.92 -6.84
C PHE A 13 -7.51 -25.94 -5.90
N GLY A 14 -7.40 -25.60 -4.61
CA GLY A 14 -6.88 -26.52 -3.58
C GLY A 14 -7.69 -27.81 -3.54
N ASN A 15 -9.01 -27.69 -3.52
CA ASN A 15 -9.92 -28.86 -3.47
C ASN A 15 -9.73 -29.73 -4.71
N ILE A 16 -9.65 -29.13 -5.89
CA ILE A 16 -9.72 -29.86 -7.19
C ILE A 16 -8.35 -30.45 -7.52
N TYR A 17 -7.28 -29.67 -7.38
CA TYR A 17 -5.92 -30.10 -7.80
C TYR A 17 -5.20 -30.86 -6.67
N ALA A 18 -5.35 -30.39 -5.43
CA ALA A 18 -4.52 -30.84 -4.29
C ALA A 18 -5.32 -31.66 -3.29
N ASN A 19 -6.64 -31.79 -3.45
CA ASN A 19 -7.53 -32.46 -2.46
C ASN A 19 -7.30 -31.81 -1.08
N ASP A 20 -7.16 -30.49 -1.02
CA ASP A 20 -6.71 -29.78 0.21
C ASP A 20 -7.37 -28.41 0.27
N PRO A 21 -8.41 -28.18 1.11
CA PRO A 21 -9.06 -26.86 1.16
C PRO A 21 -8.14 -25.76 1.69
N ASP A 22 -7.05 -26.13 2.38
CA ASP A 22 -6.04 -25.16 2.87
C ASP A 22 -5.22 -24.61 1.70
N ALA A 23 -5.37 -25.13 0.48
CA ALA A 23 -4.65 -24.65 -0.71
C ALA A 23 -5.58 -23.84 -1.63
N ASN A 24 -6.77 -23.48 -1.16
CA ASN A 24 -7.72 -22.63 -1.93
C ASN A 24 -7.34 -21.15 -1.81
N PHE A 25 -7.53 -20.39 -2.87
CA PHE A 25 -7.52 -18.91 -2.77
C PHE A 25 -8.67 -18.47 -1.85
N ASP A 26 -8.51 -17.35 -1.16
CA ASP A 26 -9.50 -16.84 -0.18
C ASP A 26 -10.38 -15.77 -0.81
N SER A 27 -9.84 -15.03 -1.77
CA SER A 27 -10.42 -13.75 -2.21
C SER A 27 -10.14 -13.53 -3.69
N ILE A 28 -10.76 -12.49 -4.24
CA ILE A 28 -10.79 -12.21 -5.70
C ILE A 28 -10.29 -10.79 -5.94
N ARG A 29 -9.44 -10.67 -6.94
CA ARG A 29 -9.15 -9.40 -7.65
C ARG A 29 -9.94 -9.44 -8.97
N VAL A 30 -10.98 -8.62 -9.10
CA VAL A 30 -11.77 -8.51 -10.36
C VAL A 30 -10.94 -7.62 -11.30
N ASP A 31 -10.25 -8.26 -12.23
CA ASP A 31 -9.17 -7.63 -13.02
C ASP A 31 -9.74 -7.31 -14.40
N ALA A 32 -10.34 -6.12 -14.55
CA ALA A 32 -11.05 -5.70 -15.78
C ALA A 32 -10.02 -5.19 -16.80
N ASP A 34 -9.98 -4.11 -19.48
CA ASP A 34 -10.76 -2.93 -19.83
C ASP A 34 -11.98 -2.58 -19.04
N ASN A 35 -13.16 -2.74 -19.66
CA ASN A 35 -14.38 -2.31 -19.00
C ASN A 35 -15.14 -3.33 -18.20
N VAL A 36 -15.65 -2.90 -17.05
CA VAL A 36 -16.45 -3.80 -16.26
C VAL A 36 -17.96 -3.58 -16.35
N ASP A 37 -18.69 -4.63 -16.66
CA ASP A 37 -20.17 -4.59 -16.70
C ASP A 37 -20.67 -4.65 -15.26
N ALA A 38 -21.61 -3.78 -14.89
CA ALA A 38 -22.22 -3.72 -13.54
C ALA A 38 -22.85 -5.07 -13.18
N ASP A 39 -23.44 -5.75 -14.16
CA ASP A 39 -24.05 -7.10 -13.99
C ASP A 39 -22.99 -8.07 -13.46
N LEU A 40 -21.77 -8.02 -13.99
CA LEU A 40 -20.68 -8.96 -13.57
C LEU A 40 -20.27 -8.67 -12.12
N LEU A 41 -20.20 -7.40 -11.72
CA LEU A 41 -19.87 -7.01 -10.32
C LEU A 41 -20.93 -7.59 -9.37
N GLN A 42 -22.20 -7.56 -9.78
CA GLN A 42 -23.30 -8.09 -8.95
C GLN A 42 -23.15 -9.61 -8.80
N ILE A 43 -22.84 -10.31 -9.88
CA ILE A 43 -22.75 -11.80 -9.87
C ILE A 43 -21.53 -12.19 -9.01
N ALA A 44 -20.41 -11.47 -9.11
CA ALA A 44 -19.21 -11.73 -8.28
C ALA A 44 -19.56 -11.54 -6.80
N GLY A 45 -20.29 -10.47 -6.47
CA GLY A 45 -20.77 -10.23 -5.10
C GLY A 45 -21.69 -11.35 -4.64
N ASP A 46 -22.55 -11.82 -5.52
CA ASP A 46 -23.51 -12.91 -5.20
C ASP A 46 -22.73 -14.18 -4.85
N TYR A 47 -21.64 -14.46 -5.58
CA TYR A 47 -20.78 -15.64 -5.32
C TYR A 47 -20.23 -15.53 -3.89
N LEU A 48 -19.65 -14.38 -3.54
CA LEU A 48 -19.02 -14.20 -2.21
C LEU A 48 -20.07 -14.37 -1.11
N LYS A 49 -21.28 -13.82 -1.29
CA LYS A 49 -22.35 -13.94 -0.26
C LYS A 49 -22.77 -15.41 -0.13
N ALA A 50 -23.01 -16.10 -1.24
CA ALA A 50 -23.51 -17.50 -1.21
C ALA A 50 -22.44 -18.44 -0.66
N ALA A 51 -21.20 -18.33 -1.15
CA ALA A 51 -20.11 -19.28 -0.82
C ALA A 51 -19.50 -18.96 0.54
N LYS A 52 -19.32 -17.68 0.87
CA LYS A 52 -18.47 -17.26 2.01
C LYS A 52 -19.27 -16.52 3.09
N GLY A 53 -20.53 -16.16 2.83
CA GLY A 53 -21.40 -15.52 3.84
C GLY A 53 -20.93 -14.12 4.22
N ILE A 54 -20.36 -13.36 3.29
CA ILE A 54 -19.71 -12.06 3.63
C ILE A 54 -20.74 -11.03 4.11
N HIS A 55 -22.02 -11.21 3.78
CA HIS A 55 -23.12 -10.30 4.22
C HIS A 55 -23.44 -10.50 5.70
N LYS A 56 -22.99 -11.60 6.32
CA LYS A 56 -23.46 -11.98 7.68
C LYS A 56 -22.73 -11.14 8.72
N ASN A 57 -21.41 -11.01 8.61
CA ASN A 57 -20.62 -10.28 9.64
C ASN A 57 -19.23 -9.96 9.09
N ASP A 58 -18.55 -9.03 9.76
CA ASP A 58 -17.24 -8.50 9.31
C ASP A 58 -16.19 -9.61 9.31
N LYS A 59 -16.28 -10.58 10.22
CA LYS A 59 -15.26 -11.67 10.23
C LYS A 59 -15.34 -12.44 8.91
N ALA A 60 -16.54 -12.79 8.45
CA ALA A 60 -16.71 -13.49 7.15
C ALA A 60 -16.24 -12.58 6.01
N ALA A 61 -16.65 -11.33 5.99
CA ALA A 61 -16.30 -10.39 4.91
C ALA A 61 -14.77 -10.21 4.85
N ASN A 62 -14.13 -10.00 5.99
CA ASN A 62 -12.70 -9.63 6.03
C ASN A 62 -11.81 -10.85 5.76
N ASP A 63 -12.33 -12.07 5.90
CA ASP A 63 -11.56 -13.31 5.59
C ASP A 63 -11.59 -13.59 4.07
N HIS A 64 -12.34 -12.80 3.29
CA HIS A 64 -12.49 -13.01 1.82
C HIS A 64 -12.51 -11.66 1.10
N LEU A 65 -11.71 -10.72 1.57
CA LEU A 65 -11.77 -9.31 1.13
C LEU A 65 -11.34 -9.21 -0.33
N SER A 66 -12.26 -8.76 -1.18
CA SER A 66 -12.10 -8.79 -2.65
C SER A 66 -12.14 -7.37 -3.21
N ILE A 67 -11.44 -7.17 -4.32
CA ILE A 67 -11.23 -5.83 -4.89
C ILE A 67 -11.61 -5.79 -6.36
N LEU A 68 -11.96 -4.58 -6.81
CA LEU A 68 -12.07 -4.25 -8.25
C LEU A 68 -10.80 -3.51 -8.68
N GLU A 69 -10.22 -3.96 -9.79
CA GLU A 69 -9.12 -3.27 -10.51
C GLU A 69 -9.62 -2.92 -11.91
N ALA A 70 -10.10 -1.70 -12.07
CA ALA A 70 -10.58 -1.24 -13.37
C ALA A 70 -9.91 0.10 -13.76
N TRP A 71 -8.89 0.48 -13.02
CA TRP A 71 -8.18 1.76 -13.28
C TRP A 71 -9.04 3.01 -13.26
N SER A 72 -10.12 2.95 -12.50
CA SER A 72 -10.97 4.09 -12.33
C SER A 72 -11.77 4.01 -11.07
N ASP A 73 -12.32 5.11 -10.65
CA ASP A 73 -13.25 5.28 -9.50
C ASP A 73 -14.70 5.04 -9.94
N ASN A 74 -14.96 4.86 -11.24
CA ASN A 74 -16.29 5.08 -11.86
C ASN A 74 -17.33 4.14 -11.26
N ASP A 75 -16.93 2.93 -10.88
CA ASP A 75 -17.84 1.85 -10.41
C ASP A 75 -18.07 1.95 -8.89
N THR A 76 -17.45 2.90 -8.19
CA THR A 76 -17.56 2.99 -6.71
C THR A 76 -19.02 3.17 -6.29
N PRO A 77 -19.80 4.11 -6.88
CA PRO A 77 -21.21 4.24 -6.51
C PRO A 77 -22.01 2.93 -6.68
N TYR A 78 -21.84 2.23 -7.80
CA TYR A 78 -22.55 0.95 -8.08
C TYR A 78 -22.13 -0.10 -7.04
N LEU A 79 -20.82 -0.27 -6.81
CA LEU A 79 -20.34 -1.27 -5.82
C LEU A 79 -20.93 -0.96 -4.45
N HIS A 80 -20.95 0.32 -4.07
CA HIS A 80 -21.49 0.77 -2.76
C HIS A 80 -22.99 0.47 -2.69
N ASP A 81 -23.74 0.84 -3.73
CA ASP A 81 -25.22 0.67 -3.78
C ASP A 81 -25.57 -0.82 -3.83
N ASP A 82 -24.69 -1.67 -4.39
CA ASP A 82 -24.93 -3.14 -4.48
C ASP A 82 -24.58 -3.84 -3.17
N GLY A 83 -24.05 -3.15 -2.17
CA GLY A 83 -23.90 -3.70 -0.81
C GLY A 83 -22.45 -3.81 -0.32
N ASP A 84 -21.49 -3.14 -0.97
CA ASP A 84 -20.05 -3.16 -0.55
C ASP A 84 -19.61 -4.62 -0.41
N ASN A 85 -19.81 -5.41 -1.46
CA ASN A 85 -19.38 -6.83 -1.52
C ASN A 85 -17.93 -6.93 -2.00
N MET A 86 -17.42 -5.86 -2.61
CA MET A 86 -16.00 -5.72 -2.98
C MET A 86 -15.65 -4.25 -2.80
N ILE A 87 -14.36 -3.95 -2.72
CA ILE A 87 -13.89 -2.56 -2.50
C ILE A 87 -13.13 -2.09 -3.75
N ASN A 88 -13.30 -0.81 -4.06
CA ASN A 88 -12.64 -0.18 -5.23
C ASN A 88 -11.45 0.64 -4.75
N MET A 89 -10.60 1.00 -5.71
CA MET A 89 -9.45 1.89 -5.46
C MET A 89 -9.96 3.30 -5.15
N ASP A 90 -9.18 4.04 -4.37
CA ASP A 90 -9.37 5.50 -4.20
C ASP A 90 -8.49 6.20 -5.24
N ASN A 91 -9.02 6.42 -6.43
CA ASN A 91 -8.20 6.94 -7.55
C ASN A 91 -7.85 8.41 -7.29
N LYS A 92 -8.76 9.20 -6.71
CA LYS A 92 -8.44 10.62 -6.40
C LYS A 92 -7.22 10.66 -5.48
N LEU A 93 -7.18 9.84 -4.42
CA LEU A 93 -6.03 9.89 -3.48
C LEU A 93 -4.75 9.52 -4.23
N ARG A 94 -4.80 8.49 -5.09
CA ARG A 94 -3.62 8.08 -5.89
C ARG A 94 -3.13 9.29 -6.70
N LEU A 95 -4.04 10.00 -7.36
CA LEU A 95 -3.69 11.16 -8.20
C LEU A 95 -3.14 12.30 -7.32
N SER A 96 -3.65 12.48 -6.11
CA SER A 96 -3.13 13.50 -5.16
C SER A 96 -1.68 13.15 -4.80
N LEU A 97 -1.41 11.88 -4.46
CA LEU A 97 -0.04 11.46 -4.12
C LEU A 97 0.87 11.69 -5.33
N LEU A 98 0.42 11.30 -6.52
CA LEU A 98 1.23 11.42 -7.76
C LEU A 98 1.57 12.90 -8.01
N PHE A 99 0.56 13.78 -8.03
CA PHE A 99 0.77 15.20 -8.44
C PHE A 99 1.40 16.03 -7.31
N SER A 100 1.06 15.79 -6.04
CA SER A 100 1.57 16.62 -4.92
C SER A 100 2.97 16.16 -4.50
N LEU A 101 3.32 14.87 -4.66
CA LEU A 101 4.59 14.33 -4.11
C LEU A 101 5.51 13.78 -5.21
N ALA A 102 5.01 13.01 -6.17
CA ALA A 102 5.86 12.18 -7.05
C ALA A 102 6.34 12.93 -8.29
N LYS A 103 5.60 13.94 -8.76
CA LYS A 103 5.87 14.60 -10.05
C LYS A 103 7.14 15.46 -9.95
N PRO A 104 7.79 15.75 -11.09
CA PRO A 104 8.86 16.74 -11.13
C PRO A 104 8.35 18.11 -10.65
N LEU A 105 9.27 18.97 -10.21
CA LEU A 105 8.94 20.28 -9.59
C LEU A 105 8.06 21.13 -10.51
N ASN A 106 8.27 21.10 -11.84
CA ASN A 106 7.55 22.01 -12.78
C ASN A 106 6.10 21.54 -12.99
N GLN A 107 5.71 20.35 -12.51
CA GLN A 107 4.30 19.87 -12.60
C GLN A 107 3.72 19.64 -11.20
N ARG A 108 4.49 19.83 -10.13
CA ARG A 108 4.09 19.38 -8.78
C ARG A 108 3.03 20.32 -8.20
N SER A 109 1.92 19.74 -7.76
CA SER A 109 0.76 20.45 -7.15
C SER A 109 1.12 20.91 -5.73
N GLY A 110 0.40 21.92 -5.24
CA GLY A 110 0.30 22.17 -3.79
C GLY A 110 -0.17 20.94 -3.06
N MET A 111 0.01 20.91 -1.75
CA MET A 111 -0.18 19.70 -0.93
C MET A 111 -1.65 19.50 -0.51
N ASN A 112 -2.51 20.50 -0.65
CA ASN A 112 -3.88 20.42 -0.11
C ASN A 112 -4.64 19.19 -0.64
N PRO A 113 -4.51 18.78 -1.93
CA PRO A 113 -5.21 17.58 -2.42
C PRO A 113 -4.94 16.30 -1.61
N LEU A 114 -3.80 16.21 -0.94
CA LEU A 114 -3.45 15.02 -0.11
C LEU A 114 -4.48 14.87 1.02
N ILE A 115 -5.13 15.95 1.42
CA ILE A 115 -6.16 15.98 2.50
C ILE A 115 -7.56 15.79 1.90
N THR A 116 -7.90 16.57 0.88
CA THR A 116 -9.31 16.75 0.44
C THR A 116 -9.62 15.95 -0.84
N ASN A 117 -8.63 15.66 -1.68
CA ASN A 117 -8.87 15.04 -3.02
C ASN A 117 -8.73 13.52 -2.85
N SER A 118 -9.80 12.94 -2.32
CA SER A 118 -9.89 11.54 -1.88
C SER A 118 -11.37 11.21 -1.72
N LEU A 119 -11.70 9.92 -1.72
CA LEU A 119 -13.02 9.44 -1.29
C LEU A 119 -13.32 9.97 0.11
N VAL A 120 -12.29 10.11 0.96
CA VAL A 120 -12.45 10.59 2.36
C VAL A 120 -11.70 11.91 2.52
N ASN A 121 -12.41 12.95 2.95
CA ASN A 121 -11.79 14.22 3.37
C ASN A 121 -11.18 14.00 4.76
N ARG A 122 -9.86 14.00 4.88
CA ARG A 122 -9.17 13.61 6.13
C ARG A 122 -8.83 14.83 6.99
N THR A 123 -9.45 15.99 6.76
CA THR A 123 -9.28 17.16 7.65
C THR A 123 -9.56 16.71 9.09
N ASP A 124 -10.74 16.13 9.32
CA ASP A 124 -11.12 15.54 10.63
C ASP A 124 -11.91 14.27 10.33
N ASP A 125 -11.24 13.13 10.40
CA ASP A 125 -11.86 11.81 10.18
C ASP A 125 -12.04 11.15 11.54
N ASN A 126 -13.25 11.25 12.10
CA ASN A 126 -13.60 10.81 13.47
C ASN A 126 -14.64 9.70 13.44
N ALA A 127 -14.89 9.10 12.27
CA ALA A 127 -15.99 8.13 12.05
C ALA A 127 -15.63 6.75 12.61
N GLU A 128 -16.53 6.13 13.37
CA GLU A 128 -16.36 4.72 13.79
C GLU A 128 -16.29 3.84 12.54
N THR A 129 -17.15 4.11 11.56
CA THR A 129 -17.15 3.43 10.23
C THR A 129 -17.21 4.49 9.14
N ALA A 130 -16.27 4.47 8.20
CA ALA A 130 -16.27 5.38 7.04
C ALA A 130 -17.49 5.08 6.15
N ALA A 131 -17.94 6.07 5.41
CA ALA A 131 -19.14 5.98 4.54
C ALA A 131 -18.96 4.87 3.51
N VAL A 132 -17.77 4.81 2.90
CA VAL A 132 -17.49 3.93 1.72
C VAL A 132 -16.10 3.33 1.92
N PRO A 133 -15.98 1.98 1.84
CA PRO A 133 -14.69 1.34 1.98
C PRO A 133 -13.88 1.43 0.68
N SER A 134 -12.56 1.37 0.80
CA SER A 134 -11.65 1.46 -0.36
C SER A 134 -10.29 0.86 -0.02
N TYR A 135 -9.50 0.62 -1.07
CA TYR A 135 -8.05 0.43 -0.94
C TYR A 135 -7.34 1.62 -1.59
N SER A 136 -6.16 1.92 -1.10
CA SER A 136 -5.30 3.06 -1.55
C SER A 136 -3.93 2.52 -1.95
N PHE A 137 -3.33 3.09 -2.99
CA PHE A 137 -1.96 2.73 -3.41
C PHE A 137 -1.33 3.90 -4.18
N ILE A 138 -0.01 3.86 -4.36
CA ILE A 138 0.72 4.85 -5.20
C ILE A 138 1.25 4.19 -6.47
N ARG A 139 1.70 2.93 -6.42
CA ARG A 139 2.17 2.22 -7.63
C ARG A 139 1.55 0.82 -7.67
N ALA A 140 1.52 0.25 -8.87
CA ALA A 140 1.04 -1.12 -9.13
C ALA A 140 1.85 -1.71 -10.29
N HIS A 141 1.67 -3.00 -10.57
CA HIS A 141 2.46 -3.72 -11.59
C HIS A 141 2.38 -3.01 -12.95
N ASP A 142 1.28 -2.31 -13.24
CA ASP A 142 1.09 -1.64 -14.56
C ASP A 142 0.78 -0.14 -14.41
N SER A 143 1.15 0.46 -13.29
CA SER A 143 0.92 1.90 -13.06
C SER A 143 1.75 2.83 -13.97
N GLU A 144 3.01 2.49 -14.26
CA GLU A 144 3.88 3.36 -15.08
C GLU A 144 5.18 2.80 -15.64
N VAL A 145 5.67 1.66 -15.15
CA VAL A 145 6.97 1.19 -15.58
C VAL A 145 7.11 0.89 -17.04
N GLN A 146 6.10 0.24 -17.60
CA GLN A 146 6.13 -0.05 -19.02
C GLN A 146 6.22 1.24 -19.83
N ASP A 147 5.51 2.25 -19.39
CA ASP A 147 5.50 3.58 -20.05
C ASP A 147 6.90 4.22 -19.91
N LEU A 148 7.51 4.12 -18.72
CA LEU A 148 8.84 4.74 -18.45
C LEU A 148 9.93 4.02 -19.25
N ILE A 149 9.87 2.68 -19.34
CA ILE A 149 10.85 1.89 -20.15
C ILE A 149 10.72 2.30 -21.62
N ARG A 150 9.49 2.48 -22.12
CA ARG A 150 9.23 2.99 -23.50
C ARG A 150 9.87 4.37 -23.66
N ASP A 151 9.60 5.29 -22.73
CA ASP A 151 10.15 6.67 -22.73
C ASP A 151 11.68 6.63 -22.76
N ILE A 152 12.29 5.79 -21.92
CA ILE A 152 13.77 5.67 -21.80
C ILE A 152 14.35 5.17 -23.14
N ILE A 153 13.78 4.11 -23.71
CA ILE A 153 14.25 3.52 -25.00
C ILE A 153 14.14 4.59 -26.10
N LYS A 154 13.01 5.30 -26.15
CA LYS A 154 12.71 6.32 -27.19
C LYS A 154 13.68 7.50 -27.07
N ALA A 155 14.08 7.87 -25.85
CA ALA A 155 14.90 9.07 -25.57
C ALA A 155 16.40 8.76 -25.68
N GLU A 156 16.84 7.54 -25.32
CA GLU A 156 18.27 7.27 -25.02
C GLU A 156 18.84 6.07 -25.79
N ILE A 157 18.03 5.17 -26.35
CA ILE A 157 18.52 3.89 -26.94
C ILE A 157 18.11 3.80 -28.42
N ASN A 158 16.81 3.89 -28.72
CA ASN A 158 16.25 3.76 -30.09
C ASN A 158 15.05 4.69 -30.25
N PRO A 159 15.21 5.84 -30.95
CA PRO A 159 14.10 6.79 -31.11
C PRO A 159 13.00 6.37 -32.09
N ASN A 160 13.18 5.25 -32.79
CA ASN A 160 12.26 4.78 -33.88
C ASN A 160 11.33 3.67 -33.37
N VAL A 161 11.44 3.27 -32.10
CA VAL A 161 10.65 2.14 -31.52
C VAL A 161 9.15 2.42 -31.73
N VAL A 162 8.42 1.38 -32.13
CA VAL A 162 6.94 1.42 -32.36
C VAL A 162 6.25 0.74 -31.17
N GLY A 163 5.23 1.41 -30.61
CA GLY A 163 4.43 0.92 -29.48
C GLY A 163 5.30 0.44 -28.33
N TYR A 164 5.17 -0.83 -27.96
CA TYR A 164 5.92 -1.48 -26.84
C TYR A 164 6.68 -2.71 -27.36
N SER A 165 6.98 -2.74 -28.67
CA SER A 165 7.76 -3.82 -29.33
C SER A 165 9.26 -3.54 -29.15
N PHE A 166 9.83 -4.01 -28.03
CA PHE A 166 11.26 -3.85 -27.67
C PHE A 166 12.00 -5.18 -27.84
N THR A 167 13.30 -5.10 -28.11
CA THR A 167 14.24 -6.25 -28.04
C THR A 167 14.61 -6.47 -26.56
N MET A 168 14.98 -7.69 -26.19
CA MET A 168 15.42 -8.03 -24.81
C MET A 168 16.59 -7.12 -24.40
N GLU A 169 17.48 -6.81 -25.35
CA GLU A 169 18.69 -5.96 -25.13
C GLU A 169 18.28 -4.50 -24.90
N GLU A 170 17.18 -4.05 -25.53
CA GLU A 170 16.63 -2.68 -25.36
C GLU A 170 16.09 -2.55 -23.93
N ILE A 171 15.32 -3.54 -23.46
CA ILE A 171 14.74 -3.57 -22.08
C ILE A 171 15.88 -3.63 -21.06
N LYS A 172 16.91 -4.45 -21.34
CA LYS A 172 18.17 -4.56 -20.56
C LYS A 172 18.76 -3.16 -20.34
N LYS A 173 19.04 -2.45 -21.43
CA LYS A 173 19.71 -1.12 -21.42
C LYS A 173 18.79 -0.08 -20.74
N ALA A 174 17.49 -0.13 -21.01
CA ALA A 174 16.50 0.81 -20.44
C ALA A 174 16.44 0.67 -18.91
N PHE A 175 16.58 -0.56 -18.40
CA PHE A 175 16.52 -0.82 -16.94
C PHE A 175 17.81 -0.35 -16.26
N GLU A 176 18.95 -0.39 -16.97
CA GLU A 176 20.22 0.21 -16.49
C GLU A 176 19.98 1.70 -16.20
N ILE A 177 19.35 2.41 -17.14
CA ILE A 177 19.05 3.87 -17.04
C ILE A 177 18.00 4.10 -15.94
N TYR A 178 16.93 3.30 -15.93
CA TYR A 178 15.82 3.37 -14.94
C TYR A 178 16.39 3.22 -13.53
N ASN A 179 17.19 2.17 -13.29
CA ASN A 179 17.75 1.83 -11.97
C ASN A 179 18.71 2.93 -11.49
N LYS A 180 19.49 3.53 -12.39
CA LYS A 180 20.37 4.68 -12.04
C LYS A 180 19.50 5.89 -11.66
N ASP A 181 18.39 6.11 -12.37
CA ASP A 181 17.48 7.25 -12.11
C ASP A 181 16.83 7.09 -10.72
N LEU A 182 16.50 5.87 -10.29
CA LEU A 182 15.93 5.61 -8.94
C LEU A 182 16.89 6.14 -7.86
N LEU A 183 18.20 6.08 -8.10
CA LEU A 183 19.25 6.41 -7.11
C LEU A 183 19.67 7.89 -7.21
N ALA A 184 19.19 8.63 -8.21
CA ALA A 184 19.56 10.03 -8.49
C ALA A 184 18.73 10.99 -7.61
N THR A 185 19.32 12.11 -7.21
CA THR A 185 18.61 13.22 -6.54
C THR A 185 17.67 13.90 -7.55
N GLU A 186 18.19 14.25 -8.72
CA GLU A 186 17.43 14.84 -9.86
C GLU A 186 16.96 13.70 -10.76
N LYS A 187 15.66 13.40 -10.75
CA LYS A 187 15.06 12.23 -11.44
C LYS A 187 14.44 12.68 -12.77
N LYS A 188 14.92 12.10 -13.87
CA LYS A 188 14.47 12.42 -15.25
C LYS A 188 13.20 11.63 -15.57
N TYR A 189 12.99 10.46 -14.95
CA TYR A 189 11.92 9.49 -15.34
C TYR A 189 11.08 9.04 -14.15
N THR A 190 11.70 8.77 -13.01
CA THR A 190 11.08 7.99 -11.90
C THR A 190 10.48 8.94 -10.85
N HIS A 191 9.70 8.36 -9.95
CA HIS A 191 8.90 9.10 -8.94
C HIS A 191 9.81 9.70 -7.87
N TYR A 192 9.49 10.93 -7.46
CA TYR A 192 10.04 11.55 -6.24
C TYR A 192 9.24 11.07 -5.02
N ASN A 193 9.85 11.15 -3.83
CA ASN A 193 9.14 11.18 -2.53
C ASN A 193 8.36 9.88 -2.26
N THR A 194 8.85 8.73 -2.73
CA THR A 194 8.20 7.42 -2.44
C THR A 194 7.92 7.28 -0.95
N ALA A 195 8.89 7.56 -0.08
CA ALA A 195 8.73 7.38 1.38
C ALA A 195 7.66 8.33 1.92
N LEU A 196 7.52 9.53 1.35
CA LEU A 196 6.49 10.50 1.81
C LEU A 196 5.11 9.93 1.44
N SER A 197 4.98 9.38 0.25
CA SER A 197 3.71 8.78 -0.22
C SER A 197 3.34 7.61 0.71
N TYR A 198 4.29 6.73 1.03
CA TYR A 198 4.05 5.58 1.93
C TYR A 198 3.76 6.06 3.36
N ALA A 199 4.38 7.14 3.83
CA ALA A 199 4.10 7.64 5.20
C ALA A 199 2.63 8.03 5.31
N LEU A 200 2.06 8.65 4.27
CA LEU A 200 0.61 8.99 4.27
C LEU A 200 -0.22 7.70 4.08
N LEU A 201 0.13 6.87 3.09
CA LEU A 201 -0.68 5.65 2.79
C LEU A 201 -0.80 4.79 4.05
N LEU A 202 0.28 4.65 4.81
CA LEU A 202 0.34 3.67 5.92
C LEU A 202 -0.08 4.31 7.25
N THR A 203 -0.38 5.61 7.30
CA THR A 203 -0.93 6.25 8.52
C THR A 203 -2.36 6.75 8.33
N ASN A 204 -2.84 6.86 7.09
CA ASN A 204 -4.23 7.31 6.82
C ASN A 204 -5.26 6.38 7.47
N LYS A 205 -6.32 6.97 7.97
CA LYS A 205 -7.54 6.27 8.43
C LYS A 205 -8.46 6.01 7.23
N SER A 206 -9.34 5.02 7.35
CA SER A 206 -10.53 4.84 6.48
C SER A 206 -10.13 4.35 5.08
N SER A 207 -9.04 3.59 4.96
CA SER A 207 -8.70 2.92 3.69
C SER A 207 -7.76 1.75 4.00
N VAL A 208 -7.84 0.70 3.19
CA VAL A 208 -6.86 -0.41 3.26
C VAL A 208 -5.70 -0.05 2.35
N PRO A 209 -4.48 0.16 2.90
CA PRO A 209 -3.34 0.44 2.04
C PRO A 209 -2.88 -0.83 1.31
N ARG A 210 -2.42 -0.65 0.07
CA ARG A 210 -1.78 -1.73 -0.72
C ARG A 210 -0.35 -1.31 -1.03
N VAL A 211 0.59 -2.07 -0.50
CA VAL A 211 2.04 -1.88 -0.75
C VAL A 211 2.40 -2.61 -2.05
N TYR A 212 3.18 -1.96 -2.90
CA TYR A 212 3.65 -2.54 -4.18
C TYR A 212 5.01 -3.19 -3.98
N TYR A 213 5.13 -4.45 -4.40
CA TYR A 213 6.40 -5.22 -4.41
C TYR A 213 7.56 -4.34 -4.91
N GLY A 214 7.34 -3.64 -6.03
CA GLY A 214 8.40 -2.88 -6.73
C GLY A 214 8.81 -1.60 -6.03
N ASP A 215 8.17 -1.24 -4.91
CA ASP A 215 8.64 -0.11 -4.07
C ASP A 215 9.58 -0.62 -2.97
N MET A 216 9.52 -1.91 -2.64
CA MET A 216 10.41 -2.50 -1.60
C MET A 216 11.57 -3.25 -2.27
N PHE A 217 11.37 -3.81 -3.46
CA PHE A 217 12.40 -4.54 -4.25
C PHE A 217 12.47 -3.97 -5.67
N THR A 218 13.57 -4.21 -6.38
CA THR A 218 13.75 -3.76 -7.79
C THR A 218 12.65 -4.37 -8.67
N ASP A 219 12.19 -3.59 -9.65
CA ASP A 219 11.11 -4.00 -10.61
C ASP A 219 11.64 -5.15 -11.49
N ASP A 220 12.95 -5.14 -11.78
CA ASP A 220 13.63 -6.18 -12.59
C ASP A 220 14.42 -7.07 -11.63
N GLY A 221 15.12 -8.09 -12.16
CA GLY A 221 15.92 -9.00 -11.33
C GLY A 221 15.06 -10.02 -10.60
N GLN A 222 15.70 -10.89 -9.83
CA GLN A 222 15.06 -12.08 -9.20
C GLN A 222 14.20 -11.64 -8.01
N TYR A 223 13.24 -12.47 -7.62
CA TYR A 223 12.20 -12.15 -6.61
C TYR A 223 12.85 -11.95 -5.24
N MET A 224 12.60 -10.76 -4.66
CA MET A 224 13.07 -10.32 -3.32
C MET A 224 14.61 -10.32 -3.24
N ALA A 225 15.31 -10.27 -4.38
CA ALA A 225 16.79 -10.37 -4.44
C ALA A 225 17.45 -9.04 -4.09
N HIS A 226 16.88 -7.90 -4.50
CA HIS A 226 17.51 -6.57 -4.41
C HIS A 226 16.55 -5.56 -3.79
N LYS A 227 16.84 -5.12 -2.56
CA LYS A 227 16.04 -4.10 -1.85
C LYS A 227 16.24 -2.73 -2.50
N THR A 228 15.17 -1.95 -2.58
CA THR A 228 15.25 -0.52 -3.00
C THR A 228 15.85 0.32 -1.87
N ILE A 229 16.22 1.56 -2.18
CA ILE A 229 16.74 2.50 -1.17
C ILE A 229 15.64 2.85 -0.16
N ASN A 230 14.36 2.59 -0.50
CA ASN A 230 13.22 2.92 0.39
C ASN A 230 12.76 1.72 1.21
N TYR A 231 13.35 0.55 1.02
CA TYR A 231 12.96 -0.67 1.78
C TYR A 231 12.95 -0.37 3.28
N GLU A 232 14.04 0.20 3.81
CA GLU A 232 14.14 0.41 5.28
C GLU A 232 13.03 1.34 5.75
N ALA A 233 12.79 2.46 5.07
CA ALA A 233 11.75 3.43 5.48
C ALA A 233 10.37 2.76 5.46
N ILE A 234 10.08 1.98 4.42
CA ILE A 234 8.73 1.38 4.25
C ILE A 234 8.56 0.26 5.29
N GLU A 235 9.56 -0.58 5.49
CA GLU A 235 9.50 -1.64 6.53
C GLU A 235 9.30 -0.97 7.89
N THR A 236 9.99 0.13 8.17
CA THR A 236 9.87 0.84 9.47
C THR A 236 8.42 1.32 9.64
N LEU A 237 7.83 1.90 8.59
CA LEU A 237 6.43 2.36 8.63
C LEU A 237 5.48 1.17 8.84
N LEU A 238 5.72 0.05 8.15
CA LEU A 238 4.82 -1.14 8.27
C LEU A 238 4.85 -1.69 9.71
N LYS A 239 6.03 -1.80 10.32
CA LYS A 239 6.14 -2.30 11.71
C LYS A 239 5.48 -1.29 12.66
N ALA A 240 5.69 0.01 12.43
CA ALA A 240 5.10 1.07 13.28
C ALA A 240 3.59 1.11 13.10
N ARG A 241 3.07 0.72 11.94
CA ARG A 241 1.61 0.78 11.69
C ARG A 241 0.92 -0.21 12.64
N ILE A 242 1.48 -1.40 12.78
CA ILE A 242 0.95 -2.44 13.71
C ILE A 242 0.95 -1.87 15.13
N LYS A 243 2.04 -1.22 15.52
CA LYS A 243 2.28 -0.83 16.93
C LYS A 243 1.50 0.43 17.30
N TYR A 244 1.40 1.42 16.41
CA TYR A 244 1.01 2.80 16.79
C TYR A 244 -0.24 3.30 16.07
N VAL A 245 -0.57 2.82 14.87
CA VAL A 245 -1.55 3.52 13.99
C VAL A 245 -2.97 3.07 14.32
N SER A 246 -3.71 3.93 15.02
CA SER A 246 -5.12 3.69 15.42
C SER A 246 -5.74 5.01 15.87
N GLY A 247 -7.07 5.04 15.93
CA GLY A 247 -7.84 6.20 16.39
C GLY A 247 -8.24 7.12 15.26
N GLY A 248 -8.83 8.26 15.61
CA GLY A 248 -9.23 9.29 14.67
C GLY A 248 -8.03 9.92 13.99
N GLN A 249 -8.30 10.65 12.91
CA GLN A 249 -7.28 11.35 12.12
C GLN A 249 -7.58 12.85 12.06
N ALA A 250 -6.54 13.65 12.09
CA ALA A 250 -6.58 15.08 11.73
C ALA A 250 -5.45 15.35 10.72
N MET A 251 -5.78 16.06 9.65
CA MET A 251 -4.75 16.58 8.72
C MET A 251 -4.87 18.10 8.66
N ARG A 252 -3.74 18.77 8.68
CA ARG A 252 -3.67 20.24 8.63
C ARG A 252 -2.69 20.67 7.55
N ASN A 253 -2.75 21.88 6.98
CA ASN A 253 -2.03 22.49 5.87
C ASN A 253 -1.89 23.97 6.29
N GLN A 254 -0.51 24.14 6.53
CA GLN A 254 -0.05 25.44 7.07
C GLN A 254 0.92 26.09 6.09
N GLN A 255 0.68 27.35 5.72
CA GLN A 255 1.69 28.16 5.00
C GLN A 255 2.78 28.49 6.00
N VAL A 256 4.03 28.23 5.63
CA VAL A 256 5.19 28.49 6.54
C VAL A 256 6.38 28.92 5.67
N GLY A 257 7.09 29.97 6.10
CA GLY A 257 8.20 30.57 5.34
C GLY A 257 7.79 30.86 3.91
N ASN A 258 8.50 30.21 2.96
CA ASN A 258 8.38 30.47 1.50
C ASN A 258 7.49 29.40 0.86
N SER A 259 6.85 28.55 1.66
CA SER A 259 6.18 27.32 1.15
C SER A 259 5.05 26.88 2.09
N GLU A 260 4.88 25.56 2.26
CA GLU A 260 3.79 24.99 3.07
C GLU A 260 4.23 23.64 3.62
N ILE A 261 3.54 23.19 4.66
CA ILE A 261 3.68 21.81 5.17
C ILE A 261 2.29 21.23 5.37
N ILE A 262 2.21 19.91 5.47
CA ILE A 262 1.02 19.23 6.03
C ILE A 262 1.43 18.48 7.29
N THR A 263 0.48 18.33 8.19
CA THR A 263 0.60 17.43 9.35
C THR A 263 -0.53 16.41 9.26
N SER A 264 -0.23 15.19 9.68
CA SER A 264 -1.22 14.10 9.73
C SER A 264 -1.04 13.38 11.07
N VAL A 265 -2.09 13.35 11.88
CA VAL A 265 -2.06 12.78 13.25
C VAL A 265 -3.10 11.67 13.35
N ARG A 266 -2.72 10.57 13.99
CA ARG A 266 -3.66 9.56 14.51
C ARG A 266 -3.64 9.66 16.03
N TYR A 267 -4.82 9.72 16.67
CA TYR A 267 -4.95 10.05 18.11
C TYR A 267 -4.54 8.88 19.01
N GLY A 268 -4.49 7.66 18.49
CA GLY A 268 -4.19 6.46 19.28
C GLY A 268 -5.41 5.58 19.48
N LYS A 269 -5.18 4.33 19.85
CA LYS A 269 -6.24 3.31 19.93
C LYS A 269 -7.31 3.76 20.94
N GLY A 270 -8.58 3.83 20.52
CA GLY A 270 -9.72 4.13 21.41
C GLY A 270 -9.98 5.63 21.53
N ALA A 271 -9.42 6.44 20.64
CA ALA A 271 -9.66 7.90 20.60
C ALA A 271 -10.04 8.32 19.17
N LEU A 272 -11.35 8.40 18.89
CA LEU A 272 -11.84 8.84 17.55
C LEU A 272 -11.77 10.37 17.43
N LYS A 273 -11.95 11.09 18.54
CA LYS A 273 -12.02 12.57 18.59
C LYS A 273 -10.78 13.11 19.31
N ALA A 274 -10.39 14.35 19.01
CA ALA A 274 -9.23 15.03 19.62
C ALA A 274 -9.43 15.19 21.14
N THR A 275 -10.69 15.18 21.61
CA THR A 275 -11.04 15.38 23.04
C THR A 275 -11.09 14.03 23.80
N ASP A 276 -11.06 12.89 23.12
CA ASP A 276 -11.15 11.56 23.79
C ASP A 276 -9.84 11.28 24.55
N THR A 277 -9.91 10.83 25.80
CA THR A 277 -8.71 10.57 26.65
C THR A 277 -8.29 9.09 26.56
N GLY A 278 -9.22 8.19 26.21
CA GLY A 278 -8.93 6.76 26.01
C GLY A 278 -8.35 6.11 27.26
N ASP A 279 -7.39 5.19 27.08
CA ASP A 279 -6.81 4.38 28.18
C ASP A 279 -5.29 4.35 28.04
N ARG A 280 -4.60 3.48 28.79
CA ARG A 280 -3.12 3.37 28.77
C ARG A 280 -2.63 3.09 27.35
N THR A 281 -3.33 2.27 26.57
CA THR A 281 -2.87 1.91 25.20
C THR A 281 -3.01 3.12 24.29
N THR A 282 -4.04 3.95 24.48
CA THR A 282 -4.18 5.22 23.72
C THR A 282 -2.92 6.09 23.95
N ARG A 283 -2.48 6.16 25.21
CA ARG A 283 -1.32 7.02 25.62
C ARG A 283 -0.08 6.65 24.79
N THR A 284 0.20 5.36 24.61
CA THR A 284 1.45 4.91 23.95
C THR A 284 1.18 4.53 22.49
N SER A 285 0.09 5.01 21.89
CA SER A 285 -0.14 4.84 20.43
C SER A 285 -0.50 6.19 19.81
N GLY A 286 -0.79 6.18 18.51
CA GLY A 286 -0.88 7.40 17.70
C GLY A 286 0.45 7.73 17.06
N VAL A 287 0.42 8.72 16.19
CA VAL A 287 1.59 9.09 15.35
C VAL A 287 1.38 10.50 14.83
N ALA A 288 2.48 11.19 14.56
CA ALA A 288 2.49 12.46 13.82
C ALA A 288 3.39 12.31 12.60
N VAL A 289 2.85 12.67 11.43
CA VAL A 289 3.61 12.76 10.15
C VAL A 289 3.63 14.23 9.74
N ILE A 290 4.82 14.74 9.43
CA ILE A 290 5.04 16.13 8.94
C ILE A 290 5.68 16.01 7.56
N GLU A 291 5.07 16.65 6.55
CA GLU A 291 5.62 16.60 5.18
C GLU A 291 5.64 17.98 4.53
N GLY A 292 6.67 18.18 3.72
CA GLY A 292 6.75 19.26 2.73
C GLY A 292 7.13 18.68 1.38
N ASN A 293 6.74 19.32 0.29
CA ASN A 293 7.01 18.82 -1.07
C ASN A 293 7.87 19.82 -1.85
N ASN A 294 8.59 20.69 -1.15
CA ASN A 294 9.42 21.75 -1.79
C ASN A 294 10.82 21.68 -1.22
N PRO A 295 11.84 21.29 -2.03
CA PRO A 295 13.21 21.20 -1.53
C PRO A 295 13.78 22.55 -1.06
N SER A 296 13.16 23.65 -1.47
CA SER A 296 13.59 25.04 -1.11
C SER A 296 12.94 25.52 0.19
N LEU A 297 12.09 24.71 0.82
CA LEU A 297 11.35 25.12 2.06
C LEU A 297 12.35 25.65 3.09
N ARG A 298 12.13 26.86 3.57
CA ARG A 298 12.90 27.47 4.69
C ARG A 298 11.89 28.18 5.60
N LEU A 299 11.86 27.81 6.87
CA LEU A 299 10.99 28.48 7.88
C LEU A 299 11.64 29.78 8.31
N LYS A 300 10.82 30.79 8.62
CA LYS A 300 11.27 32.03 9.29
C LYS A 300 11.64 31.68 10.74
N ALA A 301 12.51 32.47 11.37
CA ALA A 301 12.91 32.29 12.78
C ALA A 301 11.65 32.28 13.68
N SER A 302 10.60 33.01 13.27
CA SER A 302 9.33 33.19 14.03
C SER A 302 8.31 32.08 13.69
N ASP A 303 8.57 31.26 12.67
CA ASP A 303 7.61 30.22 12.22
C ASP A 303 7.60 29.06 13.22
N ARG A 304 6.39 28.63 13.60
N ARG A 304 6.39 28.60 13.58
CA ARG A 304 6.15 27.45 14.44
CA ARG A 304 6.19 27.42 14.45
C ARG A 304 5.11 26.56 13.77
C ARG A 304 5.06 26.55 13.90
N VAL A 305 5.29 25.25 13.86
CA VAL A 305 4.27 24.25 13.43
C VAL A 305 3.79 23.57 14.72
N VAL A 306 2.58 23.92 15.15
CA VAL A 306 1.93 23.42 16.40
C VAL A 306 1.05 22.24 16.00
N VAL A 307 1.36 21.05 16.51
CA VAL A 307 0.70 19.78 16.08
C VAL A 307 -0.07 19.19 17.27
N ASN A 308 -1.41 19.27 17.20
CA ASN A 308 -2.30 18.71 18.24
C ASN A 308 -2.29 17.18 18.15
N MET A 309 -1.79 16.51 19.19
CA MET A 309 -1.66 15.03 19.23
C MET A 309 -2.91 14.36 19.82
N GLY A 310 -3.78 15.12 20.49
CA GLY A 310 -5.00 14.58 21.10
C GLY A 310 -4.90 14.50 22.61
N ALA A 311 -6.04 14.31 23.28
CA ALA A 311 -6.20 14.54 24.73
C ALA A 311 -5.51 13.44 25.55
N ALA A 312 -5.13 12.31 24.95
CA ALA A 312 -4.37 11.24 25.65
C ALA A 312 -2.87 11.60 25.76
N HIS A 313 -2.43 12.71 25.16
CA HIS A 313 -0.99 12.96 24.90
C HIS A 313 -0.52 14.29 25.51
N LYS A 314 -1.12 14.73 26.60
CA LYS A 314 -0.64 15.95 27.34
C LYS A 314 0.63 15.59 28.11
N ASN A 315 1.63 16.47 28.06
CA ASN A 315 2.87 16.38 28.89
C ASN A 315 3.50 15.00 28.69
N GLN A 316 3.96 14.73 27.47
CA GLN A 316 4.40 13.38 27.07
C GLN A 316 5.66 13.45 26.21
N ALA A 317 6.57 12.50 26.40
CA ALA A 317 7.78 12.31 25.57
C ALA A 317 7.41 11.64 24.24
N TYR A 318 7.95 12.21 23.16
CA TYR A 318 7.88 11.72 21.77
C TYR A 318 9.29 11.51 21.24
N ARG A 319 9.44 10.58 20.31
CA ARG A 319 10.75 10.28 19.69
C ARG A 319 10.54 10.07 18.21
N PRO A 320 11.56 10.34 17.37
CA PRO A 320 11.44 10.16 15.93
C PRO A 320 11.36 8.68 15.53
N LEU A 321 10.54 8.42 14.51
CA LEU A 321 10.50 7.12 13.78
C LEU A 321 11.31 7.25 12.49
N LEU A 322 11.08 8.32 11.72
CA LEU A 322 11.81 8.63 10.47
C LEU A 322 12.16 10.12 10.48
N LEU A 323 13.40 10.46 10.14
CA LEU A 323 13.80 11.87 9.92
C LEU A 323 14.55 11.98 8.60
N THR A 324 14.27 13.05 7.85
CA THR A 324 15.03 13.37 6.62
C THR A 324 16.44 13.83 7.03
N THR A 325 17.44 13.37 6.30
CA THR A 325 18.87 13.76 6.47
C THR A 325 19.36 14.34 5.14
N ASP A 326 20.58 14.88 5.13
CA ASP A 326 21.21 15.39 3.90
C ASP A 326 21.18 14.32 2.81
N ASN A 327 21.49 13.07 3.15
CA ASN A 327 21.74 11.99 2.16
C ASN A 327 20.51 11.11 1.94
N GLY A 328 19.56 11.07 2.89
CA GLY A 328 18.36 10.22 2.72
C GLY A 328 17.38 10.34 3.86
N ILE A 329 17.03 9.21 4.47
CA ILE A 329 16.09 9.13 5.61
C ILE A 329 16.71 8.22 6.66
N LYS A 330 16.79 8.70 7.90
CA LYS A 330 17.24 7.91 9.07
C LYS A 330 16.01 7.27 9.72
N ALA A 331 16.06 5.95 9.92
CA ALA A 331 15.02 5.17 10.63
C ALA A 331 15.50 4.87 12.06
N TYR A 332 14.59 4.96 13.02
CA TYR A 332 14.82 4.64 14.45
C TYR A 332 13.95 3.44 14.82
N HIS A 333 14.58 2.34 15.25
CA HIS A 333 13.93 1.02 15.44
C HIS A 333 13.52 0.79 16.90
N SER A 334 13.80 1.75 17.79
CA SER A 334 13.42 1.67 19.23
C SER A 334 13.46 3.06 19.87
N ASP A 335 12.84 3.21 21.04
CA ASP A 335 12.91 4.45 21.85
C ASP A 335 14.36 4.72 22.21
N GLN A 336 15.13 3.68 22.57
CA GLN A 336 16.54 3.82 23.01
C GLN A 336 17.40 4.35 21.85
N GLU A 337 17.19 3.88 20.62
CA GLU A 337 17.96 4.32 19.43
C GLU A 337 17.72 5.83 19.20
N ALA A 338 16.58 6.36 19.64
CA ALA A 338 16.15 7.76 19.40
C ALA A 338 16.30 8.62 20.67
N ALA A 339 16.99 8.12 21.70
CA ALA A 339 17.07 8.73 23.04
C ALA A 339 17.57 10.18 22.96
N GLY A 340 18.48 10.48 22.04
CA GLY A 340 19.11 11.81 21.92
C GLY A 340 18.21 12.85 21.28
N LEU A 341 17.03 12.46 20.78
CA LEU A 341 16.12 13.35 20.01
C LEU A 341 14.72 13.37 20.62
N VAL A 342 14.58 13.03 21.89
CA VAL A 342 13.28 13.13 22.61
C VAL A 342 12.83 14.59 22.63
N ARG A 343 11.54 14.81 22.42
CA ARG A 343 10.87 16.11 22.56
C ARG A 343 9.54 15.89 23.29
N TYR A 344 8.86 16.97 23.65
CA TYR A 344 7.67 16.92 24.54
C TYR A 344 6.48 17.60 23.88
N THR A 345 5.32 17.04 24.15
CA THR A 345 4.04 17.78 24.06
C THR A 345 3.94 18.68 25.28
N ASN A 346 3.20 19.78 25.11
CA ASN A 346 2.91 20.73 26.20
C ASN A 346 1.66 20.27 26.96
N ASP A 347 1.15 21.14 27.84
CA ASP A 347 -0.04 20.92 28.71
C ASP A 347 -1.29 20.66 27.85
N ARG A 348 -1.29 21.07 26.58
CA ARG A 348 -2.47 20.98 25.68
C ARG A 348 -2.33 19.76 24.75
N GLY A 349 -1.23 19.00 24.84
CA GLY A 349 -0.99 17.83 23.99
C GLY A 349 -0.47 18.21 22.61
N GLU A 350 0.19 19.36 22.50
CA GLU A 350 0.73 19.86 21.20
C GLU A 350 2.25 19.64 21.16
N LEU A 351 2.75 19.04 20.07
CA LEU A 351 4.18 19.12 19.67
C LEU A 351 4.37 20.47 18.97
N ILE A 352 5.56 21.05 19.11
CA ILE A 352 5.89 22.35 18.46
C ILE A 352 7.22 22.18 17.73
N PHE A 353 7.21 22.43 16.42
CA PHE A 353 8.37 22.33 15.52
C PHE A 353 8.74 23.72 15.02
N THR A 354 10.03 23.93 14.80
CA THR A 354 10.61 25.21 14.32
C THR A 354 11.54 24.93 13.14
N ALA A 355 12.22 25.96 12.66
CA ALA A 355 13.24 25.89 11.59
C ALA A 355 14.37 24.93 12.00
N ALA A 356 14.61 24.74 13.29
CA ALA A 356 15.62 23.80 13.81
C ALA A 356 15.25 22.36 13.42
N ASP A 357 13.96 22.10 13.19
CA ASP A 357 13.40 20.74 12.95
C ASP A 357 13.09 20.52 11.47
N ILE A 358 12.52 21.53 10.81
CA ILE A 358 11.90 21.41 9.45
C ILE A 358 12.64 22.34 8.49
N LYS A 359 13.13 21.78 7.38
CA LYS A 359 13.59 22.52 6.20
C LYS A 359 13.48 21.62 4.98
N GLY A 360 13.56 22.20 3.78
CA GLY A 360 13.58 21.45 2.52
C GLY A 360 14.90 20.75 2.30
N TYR A 361 14.84 19.52 1.80
CA TYR A 361 16.02 18.72 1.37
C TYR A 361 15.81 18.24 -0.08
N ALA A 362 16.91 17.98 -0.76
CA ALA A 362 16.93 17.31 -2.08
C ALA A 362 17.96 16.16 -2.03
N ASN A 363 17.46 14.93 -1.98
CA ASN A 363 18.32 13.71 -1.97
C ASN A 363 17.56 12.63 -2.73
N PRO A 364 18.16 11.43 -2.96
CA PRO A 364 17.50 10.41 -3.76
C PRO A 364 16.15 9.92 -3.22
N GLN A 365 15.84 10.17 -1.94
CA GLN A 365 14.56 9.70 -1.32
C GLN A 365 13.59 10.85 -1.07
N VAL A 366 14.08 12.08 -0.89
CA VAL A 366 13.22 13.22 -0.44
C VAL A 366 13.46 14.44 -1.33
N SER A 367 12.36 15.04 -1.78
CA SER A 367 12.29 16.34 -2.50
C SER A 367 11.26 17.18 -1.73
N GLY A 368 11.73 17.81 -0.65
CA GLY A 368 10.86 18.39 0.40
C GLY A 368 11.31 17.93 1.76
N TYR A 369 10.39 17.41 2.56
CA TYR A 369 10.67 17.08 3.98
C TYR A 369 9.75 15.96 4.46
N LEU A 370 10.31 15.03 5.24
CA LEU A 370 9.56 14.00 5.99
C LEU A 370 10.09 13.90 7.41
N GLY A 371 9.18 13.99 8.38
CA GLY A 371 9.43 13.62 9.78
C GLY A 371 8.26 12.84 10.32
N VAL A 372 8.53 11.76 11.04
CA VAL A 372 7.47 10.95 11.69
C VAL A 372 7.87 10.75 13.15
N TRP A 373 6.93 11.01 14.06
CA TRP A 373 7.13 10.98 15.53
C TRP A 373 6.11 10.02 16.16
N VAL A 374 6.57 9.24 17.14
CA VAL A 374 5.72 8.32 17.91
C VAL A 374 5.90 8.59 19.40
N PRO A 375 4.87 8.29 20.23
CA PRO A 375 5.02 8.45 21.68
C PRO A 375 6.02 7.42 22.22
N VAL A 376 6.79 7.85 23.22
CA VAL A 376 7.75 6.96 23.94
C VAL A 376 6.96 6.01 24.86
N GLY A 377 7.45 4.78 24.98
CA GLY A 377 7.04 3.85 26.06
C GLY A 377 6.13 2.73 25.60
N ALA A 378 5.94 2.53 24.29
CA ALA A 378 5.20 1.36 23.78
C ALA A 378 5.94 0.08 24.16
N ALA A 379 5.24 -0.92 24.68
CA ALA A 379 5.80 -2.26 24.93
C ALA A 379 6.29 -2.83 23.60
N ALA A 380 7.32 -3.66 23.64
CA ALA A 380 7.92 -4.31 22.44
C ALA A 380 6.84 -5.00 21.62
N ASP A 381 5.84 -5.60 22.28
CA ASP A 381 4.79 -6.43 21.62
C ASP A 381 3.49 -5.63 21.42
N GLN A 382 3.48 -4.31 21.65
CA GLN A 382 2.24 -3.51 21.50
C GLN A 382 1.72 -3.67 20.07
N ASP A 383 0.42 -3.94 19.95
CA ASP A 383 -0.28 -4.18 18.66
C ASP A 383 -1.67 -3.57 18.80
N VAL A 384 -1.95 -2.48 18.08
CA VAL A 384 -3.22 -1.73 18.25
C VAL A 384 -4.23 -2.15 17.19
N ARG A 385 -3.97 -3.21 16.43
CA ARG A 385 -4.93 -3.74 15.44
C ARG A 385 -6.11 -4.37 16.18
N VAL A 386 -7.25 -4.46 15.52
CA VAL A 386 -8.45 -5.10 16.12
C VAL A 386 -9.01 -6.16 15.16
N ALA A 387 -9.52 -7.24 15.76
CA ALA A 387 -10.18 -8.35 15.04
C ALA A 387 -11.56 -7.90 14.57
N ALA A 388 -12.02 -8.45 13.46
CA ALA A 388 -13.36 -8.21 12.89
C ALA A 388 -14.45 -8.75 13.84
N SER A 389 -15.57 -8.02 13.94
CA SER A 389 -16.78 -8.38 14.72
C SER A 389 -17.47 -9.59 14.08
N THR A 390 -18.00 -10.49 14.91
CA THR A 390 -18.85 -11.63 14.48
C THR A 390 -20.34 -11.30 14.69
N ALA A 391 -20.66 -10.10 15.19
CA ALA A 391 -22.06 -9.62 15.35
C ALA A 391 -22.66 -9.41 13.96
N PRO A 392 -23.95 -9.76 13.75
CA PRO A 392 -24.60 -9.54 12.45
C PRO A 392 -24.49 -8.09 11.97
N SER A 393 -24.18 -7.92 10.69
CA SER A 393 -24.23 -6.63 9.96
C SER A 393 -25.69 -6.16 9.83
N THR A 394 -25.97 -4.88 10.11
CA THR A 394 -27.34 -4.35 10.26
C THR A 394 -27.61 -3.15 9.34
N ASP A 395 -26.76 -2.92 8.33
CA ASP A 395 -26.94 -1.76 7.41
C ASP A 395 -27.08 -2.24 5.97
N GLY A 396 -27.11 -3.56 5.73
CA GLY A 396 -27.25 -4.14 4.39
C GLY A 396 -25.94 -4.16 3.61
N LYS A 397 -24.83 -3.74 4.23
CA LYS A 397 -23.50 -3.74 3.56
C LYS A 397 -22.69 -4.93 4.10
N SER A 398 -21.79 -5.47 3.28
CA SER A 398 -20.92 -6.62 3.64
C SER A 398 -19.62 -6.11 4.27
N VAL A 399 -18.84 -5.33 3.51
CA VAL A 399 -17.54 -4.77 3.97
C VAL A 399 -17.81 -3.41 4.62
N HIS A 400 -17.23 -3.21 5.82
CA HIS A 400 -17.35 -1.97 6.61
C HIS A 400 -15.96 -1.41 6.89
N GLN A 401 -15.72 -0.15 6.53
CA GLN A 401 -14.41 0.54 6.74
C GLN A 401 -14.33 1.06 8.18
N ASN A 402 -14.17 0.13 9.12
CA ASN A 402 -14.05 0.39 10.57
C ASN A 402 -12.61 0.07 10.99
N ALA A 403 -12.34 0.07 12.29
CA ALA A 403 -10.97 -0.14 12.82
C ALA A 403 -10.45 -1.52 12.41
N ALA A 404 -11.32 -2.53 12.32
CA ALA A 404 -10.89 -3.89 11.93
C ALA A 404 -10.44 -3.89 10.46
N LEU A 405 -11.16 -3.24 9.56
CA LEU A 405 -10.75 -3.22 8.14
C LEU A 405 -9.49 -2.36 7.99
N ASP A 406 -9.43 -1.25 8.71
CA ASP A 406 -8.25 -0.34 8.70
C ASP A 406 -7.00 -1.08 9.20
N SER A 407 -7.17 -2.15 10.00
CA SER A 407 -6.04 -2.94 10.55
C SER A 407 -5.37 -3.79 9.46
N ARG A 408 -5.98 -3.92 8.28
CA ARG A 408 -5.48 -4.80 7.20
C ARG A 408 -4.47 -4.06 6.31
N VAL A 409 -3.57 -4.80 5.69
CA VAL A 409 -2.60 -4.29 4.68
C VAL A 409 -2.57 -5.29 3.52
N MET A 410 -2.75 -4.79 2.31
CA MET A 410 -2.63 -5.61 1.08
C MET A 410 -1.21 -5.49 0.56
N PHE A 411 -0.71 -6.55 -0.06
CA PHE A 411 0.62 -6.58 -0.70
C PHE A 411 0.45 -7.09 -2.11
N GLU A 412 0.76 -6.24 -3.09
CA GLU A 412 0.82 -6.64 -4.52
C GLU A 412 2.18 -7.31 -4.73
N GLY A 413 2.19 -8.63 -4.70
CA GLY A 413 3.43 -9.41 -4.48
C GLY A 413 4.12 -9.85 -5.76
N PHE A 414 4.19 -8.99 -6.77
CA PHE A 414 4.87 -9.30 -8.05
C PHE A 414 5.14 -8.04 -8.84
N SER A 415 6.08 -8.14 -9.78
CA SER A 415 6.38 -7.14 -10.82
C SER A 415 6.30 -7.84 -12.18
N ASN A 416 5.77 -7.17 -13.20
CA ASN A 416 5.68 -7.71 -14.58
C ASN A 416 7.08 -7.85 -15.18
N PHE A 417 8.10 -7.19 -14.61
CA PHE A 417 9.47 -7.13 -15.18
C PHE A 417 10.45 -7.99 -14.39
N GLN A 418 9.97 -8.82 -13.46
CA GLN A 418 10.82 -9.79 -12.73
C GLN A 418 11.62 -10.60 -13.73
N ALA A 419 12.88 -10.93 -13.39
CA ALA A 419 13.73 -11.85 -14.16
C ALA A 419 13.12 -13.25 -14.12
N PHE A 420 13.41 -14.07 -15.13
CA PHE A 420 13.09 -15.53 -15.12
C PHE A 420 14.07 -16.21 -14.16
N ALA A 421 13.54 -17.11 -13.32
CA ALA A 421 14.31 -17.95 -12.38
C ALA A 421 15.32 -18.78 -13.17
N THR A 422 16.57 -18.82 -12.70
CA THR A 422 17.67 -19.62 -13.31
C THR A 422 17.82 -20.95 -12.56
N LYS A 423 17.18 -21.10 -11.40
CA LYS A 423 17.22 -22.32 -10.56
C LYS A 423 15.96 -22.37 -9.68
N LYS A 424 15.61 -23.55 -9.19
CA LYS A 424 14.39 -23.81 -8.39
C LYS A 424 14.28 -22.80 -7.24
N GLU A 425 15.40 -22.49 -6.58
CA GLU A 425 15.45 -21.65 -5.36
C GLU A 425 15.00 -20.20 -5.66
N GLU A 426 15.03 -19.78 -6.93
CA GLU A 426 14.69 -18.39 -7.35
C GLU A 426 13.20 -18.29 -7.76
N TYR A 427 12.50 -19.41 -7.91
CA TYR A 427 11.05 -19.38 -8.26
C TYR A 427 10.31 -18.53 -7.23
N THR A 428 9.53 -17.56 -7.69
CA THR A 428 8.75 -16.63 -6.83
C THR A 428 8.00 -17.41 -5.76
N ASN A 429 7.28 -18.47 -6.13
CA ASN A 429 6.38 -19.15 -5.16
C ASN A 429 7.22 -19.93 -4.13
N VAL A 430 8.42 -20.38 -4.50
CA VAL A 430 9.37 -21.01 -3.54
C VAL A 430 9.83 -19.94 -2.54
N VAL A 431 10.18 -18.75 -3.04
CA VAL A 431 10.70 -17.63 -2.20
C VAL A 431 9.57 -17.13 -1.29
N ILE A 432 8.34 -17.00 -1.79
CA ILE A 432 7.18 -16.57 -0.95
C ILE A 432 7.08 -17.52 0.25
N ALA A 433 7.07 -18.83 0.01
CA ALA A 433 6.90 -19.83 1.11
C ALA A 433 8.03 -19.65 2.13
N LYS A 434 9.25 -19.40 1.68
CA LYS A 434 10.46 -19.26 2.55
C LYS A 434 10.37 -18.00 3.41
N ASN A 435 9.65 -16.96 2.95
CA ASN A 435 9.73 -15.60 3.54
C ASN A 435 8.40 -15.18 4.17
N VAL A 436 7.48 -16.10 4.47
CA VAL A 436 6.13 -15.72 5.00
C VAL A 436 6.29 -14.98 6.34
N ASP A 437 7.33 -15.26 7.11
CA ASP A 437 7.55 -14.57 8.41
C ASP A 437 7.74 -13.07 8.16
N LYS A 438 8.38 -12.70 7.05
CA LYS A 438 8.62 -11.28 6.69
C LYS A 438 7.27 -10.61 6.40
N PHE A 439 6.39 -11.25 5.65
CA PHE A 439 5.07 -10.64 5.31
C PHE A 439 4.27 -10.44 6.60
N ALA A 440 4.32 -11.41 7.53
CA ALA A 440 3.62 -11.31 8.83
C ALA A 440 4.21 -10.15 9.65
N GLU A 441 5.54 -10.00 9.67
CA GLU A 441 6.24 -8.91 10.39
C GLU A 441 5.75 -7.55 9.88
N TRP A 442 5.47 -7.46 8.58
CA TRP A 442 5.01 -6.21 7.93
C TRP A 442 3.52 -5.97 8.15
N GLY A 443 2.78 -6.93 8.71
CA GLY A 443 1.32 -6.78 8.90
C GLY A 443 0.55 -7.03 7.62
N VAL A 444 1.14 -7.70 6.64
CA VAL A 444 0.39 -8.10 5.41
C VAL A 444 -0.70 -9.07 5.83
N THR A 445 -1.95 -8.75 5.51
CA THR A 445 -3.14 -9.60 5.80
C THR A 445 -3.70 -10.19 4.51
N ASP A 446 -3.38 -9.60 3.36
CA ASP A 446 -4.00 -9.94 2.06
C ASP A 446 -2.88 -9.88 1.00
N PHE A 447 -2.55 -11.03 0.42
CA PHE A 447 -1.42 -11.18 -0.52
C PHE A 447 -2.00 -11.34 -1.93
N GLU A 448 -1.78 -10.34 -2.77
CA GLU A 448 -2.25 -10.33 -4.17
C GLU A 448 -1.18 -11.02 -5.03
N MET A 449 -1.47 -12.22 -5.51
CA MET A 449 -0.51 -13.01 -6.32
C MET A 449 -0.63 -12.63 -7.80
N ALA A 450 0.47 -12.80 -8.53
CA ALA A 450 0.53 -12.73 -10.01
C ALA A 450 -0.47 -13.73 -10.59
N PRO A 451 -0.91 -13.52 -11.84
CA PRO A 451 -1.64 -14.55 -12.58
C PRO A 451 -0.77 -15.81 -12.70
N GLN A 452 -1.34 -16.99 -12.47
CA GLN A 452 -0.56 -18.24 -12.28
C GLN A 452 -0.67 -19.14 -13.50
N TYR A 453 -1.42 -18.76 -14.53
CA TYR A 453 -1.65 -19.71 -15.65
C TYR A 453 -0.55 -19.58 -16.68
N VAL A 454 -0.41 -20.67 -17.43
CA VAL A 454 0.61 -20.91 -18.50
C VAL A 454 -0.09 -20.73 -19.85
N ASP A 458 7.34 -16.95 -20.96
CA ASP A 458 6.63 -15.80 -21.49
C ASP A 458 7.13 -14.51 -20.83
N GLY A 459 7.84 -13.69 -21.61
CA GLY A 459 8.35 -12.43 -21.11
C GLY A 459 7.50 -11.19 -21.29
N SER A 460 6.25 -11.33 -21.73
CA SER A 460 5.35 -10.19 -21.82
C SER A 460 5.22 -9.41 -20.55
N PHE A 461 5.17 -8.09 -20.67
CA PHE A 461 5.06 -7.20 -19.52
C PHE A 461 3.77 -6.41 -19.61
N LEU A 462 3.09 -6.48 -20.75
CA LEU A 462 1.76 -5.85 -20.94
C LEU A 462 0.68 -6.88 -20.58
N ASP A 463 -0.23 -6.51 -19.68
CA ASP A 463 -1.39 -7.35 -19.27
C ASP A 463 -2.27 -7.64 -20.50
N SER A 464 -2.38 -6.67 -21.42
CA SER A 464 -3.16 -6.81 -22.68
C SER A 464 -2.61 -7.99 -23.51
N VAL A 465 -1.29 -8.08 -23.66
CA VAL A 465 -0.60 -9.13 -24.48
C VAL A 465 -0.77 -10.49 -23.78
N ILE A 466 -0.54 -10.54 -22.47
CA ILE A 466 -0.68 -11.77 -21.62
C ILE A 466 -2.10 -12.32 -21.81
N GLN A 467 -3.11 -11.49 -21.55
CA GLN A 467 -4.54 -11.90 -21.50
C GLN A 467 -5.02 -12.28 -22.91
N ASN A 468 -4.38 -11.77 -23.96
CA ASN A 468 -4.66 -12.13 -25.38
C ASN A 468 -3.90 -13.41 -25.76
N GLY A 469 -2.79 -13.70 -25.08
CA GLY A 469 -1.83 -14.77 -25.46
C GLY A 469 -2.28 -16.16 -25.02
N TYR A 470 -3.34 -16.26 -24.21
CA TYR A 470 -3.77 -17.54 -23.57
C TYR A 470 -5.26 -17.81 -23.84
N ALA A 471 -5.55 -18.96 -24.45
CA ALA A 471 -6.91 -19.49 -24.72
C ALA A 471 -7.61 -19.82 -23.40
N PHE A 472 -8.93 -19.93 -23.42
CA PHE A 472 -9.76 -20.09 -22.19
C PHE A 472 -9.38 -21.39 -21.47
N THR A 473 -8.81 -22.38 -22.17
CA THR A 473 -8.34 -23.64 -21.54
C THR A 473 -7.02 -23.41 -20.80
N ASP A 474 -6.20 -22.48 -21.30
CA ASP A 474 -4.87 -22.18 -20.71
C ASP A 474 -5.04 -21.70 -19.26
N ARG A 475 -6.18 -21.06 -18.95
CA ARG A 475 -6.43 -20.42 -17.63
C ARG A 475 -6.69 -21.47 -16.54
N TYR A 476 -6.81 -22.77 -16.88
CA TYR A 476 -6.95 -23.88 -15.90
C TYR A 476 -5.57 -24.47 -15.57
N ASP A 477 -4.54 -24.09 -16.33
CA ASP A 477 -3.18 -24.70 -16.26
C ASP A 477 -2.30 -23.83 -15.36
N LEU A 478 -2.41 -24.00 -14.04
CA LEU A 478 -1.69 -23.15 -13.05
C LEU A 478 -0.32 -23.77 -12.75
N GLY A 479 0.57 -23.79 -13.73
CA GLY A 479 1.92 -24.38 -13.62
C GLY A 479 1.86 -25.89 -13.59
N ILE A 480 0.87 -26.48 -14.24
CA ILE A 480 0.57 -27.95 -14.15
C ILE A 480 1.29 -28.69 -15.29
N SER A 481 1.06 -28.27 -16.54
CA SER A 481 1.63 -28.94 -17.75
C SER A 481 3.13 -28.67 -17.83
N LYS A 482 3.56 -27.50 -17.32
CA LYS A 482 4.97 -27.05 -17.22
C LYS A 482 4.98 -25.93 -16.18
N PRO A 483 6.15 -25.57 -15.60
CA PRO A 483 6.20 -24.47 -14.64
C PRO A 483 5.65 -23.19 -15.26
N ASN A 484 4.91 -22.41 -14.47
CA ASN A 484 4.64 -20.99 -14.79
C ASN A 484 5.93 -20.21 -14.43
N LYS A 485 5.94 -18.90 -14.65
CA LYS A 485 7.13 -18.06 -14.37
C LYS A 485 7.50 -18.17 -12.88
N TYR A 486 6.52 -18.52 -12.02
CA TYR A 486 6.60 -18.42 -10.55
C TYR A 486 6.86 -19.79 -9.91
N GLY A 487 6.87 -20.87 -10.70
CA GLY A 487 7.18 -22.24 -10.24
C GLY A 487 6.16 -23.25 -10.74
N THR A 488 6.18 -24.44 -10.14
CA THR A 488 5.23 -25.52 -10.48
C THR A 488 3.91 -25.29 -9.76
N ALA A 489 2.87 -26.03 -10.13
CA ALA A 489 1.58 -26.06 -9.39
C ALA A 489 1.84 -26.43 -7.93
N ASP A 490 2.73 -27.39 -7.67
CA ASP A 490 3.04 -27.81 -6.28
C ASP A 490 3.68 -26.63 -5.51
N ASP A 491 4.52 -25.84 -6.16
CA ASP A 491 5.13 -24.63 -5.54
C ASP A 491 4.02 -23.62 -5.20
N LEU A 492 3.03 -23.45 -6.08
CA LEU A 492 1.87 -22.54 -5.83
C LEU A 492 1.10 -23.06 -4.62
N VAL A 493 0.79 -24.36 -4.58
CA VAL A 493 0.06 -24.97 -3.43
C VAL A 493 0.84 -24.69 -2.14
N LYS A 494 2.16 -24.90 -2.16
CA LYS A 494 3.01 -24.72 -0.94
C LYS A 494 3.02 -23.24 -0.53
N ALA A 495 3.02 -22.31 -1.49
CA ALA A 495 3.01 -20.86 -1.18
C ALA A 495 1.68 -20.49 -0.52
N ILE A 496 0.56 -20.96 -1.06
CA ILE A 496 -0.78 -20.66 -0.48
C ILE A 496 -0.82 -21.21 0.95
N LYS A 497 -0.40 -22.47 1.15
CA LYS A 497 -0.42 -23.08 2.49
C LYS A 497 0.50 -22.30 3.44
N ALA A 498 1.67 -21.85 2.97
CA ALA A 498 2.64 -21.10 3.81
C ALA A 498 2.01 -19.78 4.25
N LEU A 499 1.36 -19.06 3.33
CA LEU A 499 0.68 -17.79 3.71
C LEU A 499 -0.43 -18.09 4.72
N HIS A 500 -1.21 -19.14 4.52
CA HIS A 500 -2.29 -19.54 5.47
C HIS A 500 -1.72 -19.88 6.85
N SER A 501 -0.50 -20.42 6.92
CA SER A 501 0.13 -20.81 8.21
C SER A 501 0.36 -19.57 9.09
N LYS A 502 0.36 -18.37 8.50
CA LYS A 502 0.52 -17.11 9.25
C LYS A 502 -0.78 -16.33 9.28
N GLY A 503 -1.86 -16.93 8.80
CA GLY A 503 -3.20 -16.31 8.79
C GLY A 503 -3.36 -15.25 7.70
N ILE A 504 -2.50 -15.28 6.68
CA ILE A 504 -2.52 -14.31 5.54
C ILE A 504 -3.45 -14.87 4.46
N LYS A 505 -4.37 -14.05 3.97
CA LYS A 505 -5.33 -14.43 2.92
C LYS A 505 -4.67 -14.23 1.55
N VAL A 506 -5.07 -15.03 0.58
CA VAL A 506 -4.43 -15.08 -0.78
C VAL A 506 -5.49 -14.77 -1.82
N MET A 507 -5.22 -13.75 -2.63
CA MET A 507 -6.17 -13.20 -3.61
C MET A 507 -5.83 -13.74 -5.01
N ALA A 508 -6.83 -14.33 -5.66
CA ALA A 508 -6.75 -14.84 -7.05
C ALA A 508 -7.04 -13.72 -8.05
N ASP A 509 -6.35 -13.75 -9.19
CA ASP A 509 -6.52 -12.83 -10.34
C ASP A 509 -7.64 -13.36 -11.23
N TRP A 510 -8.83 -12.79 -11.14
CA TRP A 510 -10.00 -13.21 -11.93
C TRP A 510 -10.26 -12.19 -13.04
N VAL A 511 -9.98 -12.58 -14.27
CA VAL A 511 -10.22 -11.73 -15.49
C VAL A 511 -11.54 -12.17 -16.10
N PRO A 512 -12.64 -11.41 -15.93
CA PRO A 512 -13.92 -11.75 -16.57
C PRO A 512 -13.99 -11.32 -18.05
#